data_1KHE
#
_entry.id   1KHE
#
_cell.length_a   45.386
_cell.length_b   60.540
_cell.length_c   61.833
_cell.angle_alpha   88.36
_cell.angle_beta   70.39
_cell.angle_gamma   72.37
#
_symmetry.space_group_name_H-M   'P 1'
#
loop_
_entity.id
_entity.type
_entity.pdbx_description
1 polymer 'Phosphoenolpyruvate Carboxykinase, cytosolic (GTP)'
2 non-polymer 'MANGANESE (II) ION'
3 non-polymer 'PHOSPHOMETHYLPHOSPHONIC ACID GUANYLATE ESTER'
4 water water
#
_entity_poly.entity_id   1
_entity_poly.type   'polypeptide(L)'
_entity_poly.pdbx_seq_one_letter_code
;GEL(MSE)PPQLQNGLNLSAKVVQGSLDSLPQAVREFLENNAELCQPDHIHICDGSEEENGRLLGQ(MSE)EEEGILRRL
KKYDNCWLALTDPRDVARIESKTVIVTQEQRDTVPIPKTGLSQLGRW(MSE)SEEDFEKAFNARFPGC(MSE)KGRT
(MSE)YVIPFS(MSE)GPLGSPLSKIGIELTDSPYVVAS(MSE)RI(MSE)TR(MSE)GTPVLEALGDGEFVKCLHSVGC
PLPLQKPLVNNWPCNPELTLIAHLPDRREIISFGSGYGGNSLLGKKCFALR(MSE)ASRLAKEEGWLAEH(MSE)LVLGI
TNPEGEKKYLAAAFPSACGKTNLA(MSE)(MSE)NPSLPGWKVECVGDDIAW(MSE)KFDAQGHLRAINPENGFFGVAPG
TSVKTNPNAIKTIQKNTIFTNVAETSDGGVYWEGIDEPLASGVTITSWKNKEWSSEDGEPCAHPNSRFCTPASQCPIIDA
AWESPEGVPIEGIIFGGRRPAGVPLVYEALSWQHGVFVGAA(MSE)RSEATAAAEHKGKII(MSE)HDPFA(MSE)RPFF
GYNFGKYLAHWLS(MSE)AQHPAAKLPKIFHVNWFRKDKEGKFLWPGFGENSRVLEW(MSE)FNRIDGKASTKLTPIGYI
PKEDALNLKGLGHIN(MSE)(MSE)ELFSISKEFWDKEVEDIEKYLVDQVNADLPCEIEREILALKQRISQ(MSE)
;
_entity_poly.pdbx_strand_id   A
#
# COMPACT_ATOMS: atom_id res chain seq x y z
N ASN A 13 -37.29 -6.51 -15.36
CA ASN A 13 -36.99 -7.84 -14.72
C ASN A 13 -35.88 -7.67 -13.70
N LEU A 14 -34.72 -7.18 -14.16
CA LEU A 14 -33.59 -6.85 -13.29
C LEU A 14 -33.74 -5.40 -12.96
N SER A 15 -34.10 -4.63 -13.99
CA SER A 15 -34.43 -3.25 -13.77
C SER A 15 -35.34 -3.08 -12.53
N ALA A 16 -36.19 -4.05 -12.31
CA ALA A 16 -37.07 -3.80 -11.19
C ALA A 16 -36.33 -3.56 -9.85
N LYS A 17 -35.09 -4.12 -9.75
CA LYS A 17 -34.36 -4.13 -8.50
C LYS A 17 -33.44 -2.91 -8.38
N VAL A 18 -33.40 -2.11 -9.41
CA VAL A 18 -32.49 -1.00 -9.45
C VAL A 18 -33.01 0.15 -8.63
N VAL A 19 -32.28 0.50 -7.59
CA VAL A 19 -32.80 1.59 -6.83
C VAL A 19 -32.04 2.90 -7.14
N GLN A 20 -31.01 2.86 -7.98
CA GLN A 20 -30.31 4.09 -8.37
C GLN A 20 -29.61 3.96 -9.70
N GLY A 21 -29.93 4.90 -10.61
CA GLY A 21 -29.40 4.89 -11.93
C GLY A 21 -30.13 3.93 -12.88
N SER A 22 -29.50 3.73 -14.06
CA SER A 22 -30.15 2.97 -15.12
C SER A 22 -29.33 1.92 -15.88
N LEU A 23 -29.83 0.72 -15.89
CA LEU A 23 -29.07 -0.26 -16.59
C LEU A 23 -28.72 0.31 -17.96
N ASP A 24 -29.68 0.98 -18.63
CA ASP A 24 -29.50 1.41 -20.02
C ASP A 24 -28.42 2.43 -20.20
N SER A 25 -28.02 3.04 -19.09
CA SER A 25 -26.96 4.01 -19.20
C SER A 25 -25.54 3.38 -19.08
N LEU A 26 -25.46 2.09 -18.71
CA LEU A 26 -24.16 1.48 -18.58
C LEU A 26 -23.67 1.06 -19.94
N PRO A 27 -22.38 1.14 -20.14
CA PRO A 27 -21.75 0.56 -21.31
C PRO A 27 -22.10 -0.90 -21.22
N GLN A 28 -22.25 -1.58 -22.38
CA GLN A 28 -22.73 -2.94 -22.51
C GLN A 28 -21.90 -3.91 -21.70
N ALA A 29 -20.61 -3.80 -21.82
CA ALA A 29 -19.82 -4.76 -21.09
C ALA A 29 -19.92 -4.47 -19.53
N VAL A 30 -20.27 -3.21 -19.14
CA VAL A 30 -20.44 -2.97 -17.73
C VAL A 30 -21.70 -3.65 -17.30
N ARG A 31 -22.71 -3.55 -18.15
CA ARG A 31 -23.98 -4.15 -17.84
C ARG A 31 -23.96 -5.66 -17.80
N GLU A 32 -23.27 -6.29 -18.72
CA GLU A 32 -23.21 -7.72 -18.70
C GLU A 32 -22.60 -8.21 -17.38
N PHE A 33 -21.57 -7.47 -16.94
CA PHE A 33 -20.83 -7.88 -15.82
C PHE A 33 -21.74 -7.85 -14.61
N LEU A 34 -22.53 -6.80 -14.58
CA LEU A 34 -23.45 -6.59 -13.49
C LEU A 34 -24.59 -7.63 -13.56
N GLU A 35 -25.23 -7.79 -14.70
CA GLU A 35 -26.29 -8.78 -14.84
C GLU A 35 -25.89 -10.19 -14.42
N ASN A 36 -24.80 -10.63 -14.99
CA ASN A 36 -24.34 -11.96 -14.66
C ASN A 36 -24.17 -12.15 -13.17
N ASN A 37 -23.42 -11.22 -12.56
CA ASN A 37 -23.16 -11.31 -11.12
C ASN A 37 -24.42 -11.10 -10.23
N ALA A 38 -25.31 -10.20 -10.65
CA ALA A 38 -26.60 -10.05 -9.95
C ALA A 38 -27.34 -11.39 -9.91
N GLU A 39 -27.40 -12.05 -11.04
CA GLU A 39 -28.05 -13.33 -11.13
C GLU A 39 -27.35 -14.35 -10.28
N LEU A 40 -26.04 -14.29 -10.18
CA LEU A 40 -25.39 -15.30 -9.38
C LEU A 40 -25.50 -14.99 -7.88
N CYS A 41 -25.44 -13.73 -7.50
CA CYS A 41 -25.36 -13.35 -6.09
C CYS A 41 -26.76 -13.10 -5.52
N GLN A 42 -27.69 -12.73 -6.42
CA GLN A 42 -29.10 -12.55 -5.98
C GLN A 42 -29.32 -11.46 -4.94
N PRO A 43 -28.77 -10.30 -5.13
CA PRO A 43 -29.04 -9.22 -4.18
C PRO A 43 -30.48 -8.82 -4.33
N ASP A 44 -31.10 -8.37 -3.25
CA ASP A 44 -32.42 -7.80 -3.28
C ASP A 44 -32.34 -6.50 -4.08
N HIS A 45 -31.35 -5.62 -3.88
CA HIS A 45 -31.37 -4.49 -4.81
C HIS A 45 -30.02 -4.25 -5.57
N ILE A 46 -30.07 -3.37 -6.61
CA ILE A 46 -28.87 -2.93 -7.39
C ILE A 46 -28.78 -1.39 -7.30
N HIS A 47 -27.68 -0.93 -6.79
CA HIS A 47 -27.50 0.53 -6.67
C HIS A 47 -26.30 0.90 -7.46
N ILE A 48 -26.53 1.72 -8.46
CA ILE A 48 -25.44 2.12 -9.33
C ILE A 48 -24.87 3.42 -8.80
N CYS A 49 -23.68 3.34 -8.22
CA CYS A 49 -23.13 4.55 -7.58
C CYS A 49 -22.79 5.58 -8.55
N ASP A 50 -23.06 6.84 -8.20
CA ASP A 50 -22.71 7.94 -9.06
C ASP A 50 -21.69 8.78 -8.47
N GLY A 51 -21.27 8.53 -7.23
CA GLY A 51 -20.09 9.19 -6.72
C GLY A 51 -20.30 10.60 -6.18
N SER A 52 -21.57 11.01 -6.17
CA SER A 52 -21.93 12.39 -5.73
C SER A 52 -21.91 12.57 -4.17
N GLU A 53 -21.86 13.81 -3.67
CA GLU A 53 -21.95 14.07 -2.25
C GLU A 53 -23.27 13.59 -1.62
N GLU A 54 -24.36 13.83 -2.35
CA GLU A 54 -25.65 13.48 -1.82
C GLU A 54 -25.67 11.99 -1.54
N GLU A 55 -25.15 11.22 -2.46
CA GLU A 55 -25.16 9.78 -2.26
C GLU A 55 -24.23 9.43 -1.10
N ASN A 56 -23.16 10.18 -0.92
CA ASN A 56 -22.21 9.81 0.12
C ASN A 56 -22.94 10.00 1.43
N GLY A 57 -23.60 11.17 1.50
CA GLY A 57 -24.45 11.54 2.63
C GLY A 57 -25.53 10.49 2.93
N ARG A 58 -26.17 10.04 1.88
CA ARG A 58 -27.20 9.10 2.10
C ARG A 58 -26.50 7.85 2.57
N LEU A 59 -25.34 7.49 1.99
CA LEU A 59 -24.86 6.20 2.44
C LEU A 59 -24.44 6.28 3.89
N LEU A 60 -23.80 7.37 4.28
CA LEU A 60 -23.26 7.44 5.64
C LEU A 60 -24.45 7.37 6.62
N GLY A 61 -25.56 8.06 6.27
CA GLY A 61 -26.73 8.19 7.12
C GLY A 61 -27.23 6.76 7.32
N GLN A 62 -27.39 6.02 6.21
CA GLN A 62 -27.84 4.63 6.41
C GLN A 62 -26.88 3.94 7.32
N GLU A 64 -24.87 5.02 9.70
CA GLU A 64 -25.10 5.40 11.02
C GLU A 64 -26.36 4.64 11.53
N GLU A 65 -27.48 4.65 10.75
CA GLU A 65 -28.69 4.04 11.28
C GLU A 65 -28.52 2.57 11.57
N GLU A 66 -27.73 1.92 10.75
CA GLU A 66 -27.54 0.50 10.91
C GLU A 66 -26.51 0.16 11.94
N GLY A 67 -25.79 1.12 12.49
CA GLY A 67 -24.77 0.75 13.49
C GLY A 67 -23.43 0.47 12.81
N ILE A 68 -23.40 0.60 11.49
CA ILE A 68 -22.15 0.31 10.80
C ILE A 68 -21.08 1.42 11.15
N LEU A 69 -21.53 2.68 11.31
CA LEU A 69 -20.57 3.71 11.55
C LEU A 69 -21.12 4.56 12.60
N ARG A 70 -20.25 5.21 13.35
CA ARG A 70 -20.69 6.23 14.24
C ARG A 70 -20.02 7.53 13.84
N ARG A 71 -20.69 8.63 14.07
CA ARG A 71 -20.21 10.01 13.94
C ARG A 71 -19.14 10.40 15.01
N LEU A 72 -18.01 10.95 14.55
CA LEU A 72 -17.06 11.55 15.46
C LEU A 72 -17.33 13.04 15.56
N LYS A 73 -18.21 13.45 16.45
CA LYS A 73 -18.69 14.84 16.47
C LYS A 73 -17.57 15.84 16.76
N LYS A 74 -16.41 15.37 17.18
CA LYS A 74 -15.44 16.42 17.45
C LYS A 74 -14.95 17.03 16.10
N TYR A 75 -15.20 16.29 15.02
CA TYR A 75 -14.73 16.78 13.69
C TYR A 75 -15.82 17.14 12.65
N ASP A 76 -15.38 17.71 11.54
CA ASP A 76 -16.22 17.96 10.33
C ASP A 76 -16.34 16.72 9.54
N ASN A 77 -17.51 16.06 9.64
CA ASN A 77 -17.80 14.88 8.81
C ASN A 77 -16.79 13.69 8.93
N CYS A 78 -16.46 13.26 10.12
CA CYS A 78 -15.56 12.08 10.28
C CYS A 78 -16.34 11.00 10.96
N TRP A 79 -16.01 9.77 10.63
CA TRP A 79 -16.79 8.65 11.01
C TRP A 79 -15.96 7.45 11.48
N LEU A 80 -16.58 6.51 12.17
CA LEU A 80 -15.75 5.47 12.80
C LEU A 80 -16.46 4.14 12.53
N ALA A 81 -15.74 3.22 11.92
CA ALA A 81 -16.21 1.84 11.77
C ALA A 81 -15.43 0.98 12.78
N LEU A 82 -16.14 0.13 13.51
CA LEU A 82 -15.52 -0.88 14.28
C LEU A 82 -15.82 -2.27 13.65
N THR A 83 -14.80 -3.09 13.47
CA THR A 83 -15.06 -4.32 12.84
C THR A 83 -15.12 -5.46 13.80
N ASP A 84 -15.51 -6.59 13.24
CA ASP A 84 -15.36 -7.83 13.94
C ASP A 84 -13.85 -8.05 14.11
N PRO A 85 -13.37 -8.31 15.29
CA PRO A 85 -11.93 -8.58 15.48
C PRO A 85 -11.48 -9.75 14.61
N ARG A 86 -12.43 -10.52 14.14
CA ARG A 86 -11.98 -11.62 13.35
C ARG A 86 -11.62 -11.17 11.90
N ASP A 87 -12.09 -10.00 11.53
CA ASP A 87 -11.84 -9.55 10.17
C ASP A 87 -10.86 -8.35 10.18
N VAL A 88 -9.68 -8.36 10.77
CA VAL A 88 -8.97 -7.03 10.95
C VAL A 88 -7.72 -6.67 10.12
N ALA A 89 -7.19 -7.62 9.36
CA ALA A 89 -6.04 -7.31 8.50
C ALA A 89 -6.12 -8.24 7.30
N ARG A 90 -5.24 -8.04 6.29
CA ARG A 90 -5.24 -8.89 5.06
C ARG A 90 -4.46 -10.19 5.36
N ILE A 91 -5.04 -11.33 4.97
CA ILE A 91 -4.41 -12.62 5.27
C ILE A 91 -3.81 -13.22 4.02
N GLU A 92 -2.49 -13.33 4.05
CA GLU A 92 -1.68 -13.91 2.97
C GLU A 92 -2.16 -15.30 2.57
N SER A 93 -2.13 -16.19 3.56
CA SER A 93 -2.57 -17.54 3.37
C SER A 93 -3.78 -17.40 2.49
N LYS A 94 -4.83 -16.68 2.89
CA LYS A 94 -6.04 -16.67 2.08
C LYS A 94 -6.07 -15.79 0.80
N THR A 95 -4.93 -15.44 0.25
CA THR A 95 -4.85 -14.50 -0.86
C THR A 95 -4.13 -15.15 -1.95
N VAL A 96 -4.72 -15.23 -3.14
CA VAL A 96 -4.11 -16.10 -4.12
C VAL A 96 -4.25 -15.55 -5.47
N ILE A 97 -3.38 -16.01 -6.34
CA ILE A 97 -3.43 -15.62 -7.73
C ILE A 97 -3.69 -16.88 -8.51
N VAL A 98 -4.58 -16.80 -9.46
CA VAL A 98 -4.87 -18.02 -10.16
C VAL A 98 -4.46 -17.94 -11.62
N THR A 99 -3.63 -18.87 -12.05
CA THR A 99 -3.19 -18.97 -13.46
C THR A 99 -3.08 -20.41 -13.87
N GLN A 100 -3.07 -20.71 -15.17
CA GLN A 100 -2.99 -22.09 -15.54
C GLN A 100 -1.72 -22.79 -15.13
N GLU A 101 -0.58 -22.10 -15.21
CA GLU A 101 0.68 -22.60 -14.77
C GLU A 101 1.18 -21.88 -13.49
N GLN A 102 1.52 -22.71 -12.49
CA GLN A 102 1.93 -22.24 -11.23
C GLN A 102 3.15 -21.23 -11.39
N ARG A 103 4.19 -21.62 -12.10
CA ARG A 103 5.40 -20.92 -12.45
C ARG A 103 5.01 -19.50 -12.89
N ASP A 104 3.86 -19.30 -13.55
CA ASP A 104 3.66 -17.96 -14.03
C ASP A 104 3.42 -17.10 -12.86
N THR A 105 2.91 -17.68 -11.75
CA THR A 105 2.56 -16.93 -10.55
C THR A 105 3.68 -16.79 -9.48
N VAL A 106 4.40 -17.87 -9.16
CA VAL A 106 5.51 -17.86 -8.23
C VAL A 106 6.56 -18.84 -8.72
N PRO A 107 7.80 -18.65 -8.34
CA PRO A 107 8.79 -19.68 -8.68
C PRO A 107 8.63 -20.91 -7.89
N ILE A 108 9.08 -22.03 -8.43
CA ILE A 108 9.06 -23.29 -7.69
C ILE A 108 10.33 -23.28 -6.91
N PRO A 109 10.20 -23.25 -5.65
CA PRO A 109 11.38 -23.12 -4.77
C PRO A 109 12.14 -24.49 -4.67
N LYS A 110 13.39 -24.41 -4.24
CA LYS A 110 14.24 -25.59 -4.04
C LYS A 110 13.82 -26.48 -2.87
N THR A 111 13.35 -25.88 -1.82
CA THR A 111 13.01 -26.51 -0.55
C THR A 111 11.87 -25.70 0.03
N GLY A 112 11.08 -26.26 0.91
CA GLY A 112 9.98 -25.51 1.52
C GLY A 112 8.91 -25.18 0.48
N LEU A 113 7.98 -24.36 0.93
CA LEU A 113 6.87 -23.81 0.21
C LEU A 113 7.36 -22.39 -0.11
N SER A 114 6.86 -21.85 -1.21
CA SER A 114 7.24 -20.52 -1.65
C SER A 114 6.74 -19.45 -0.66
N GLN A 115 7.57 -18.43 -0.44
CA GLN A 115 7.20 -17.28 0.46
C GLN A 115 6.96 -16.11 -0.48
N LEU A 116 6.88 -16.32 -1.79
CA LEU A 116 6.73 -15.17 -2.73
C LEU A 116 5.36 -15.00 -3.38
N GLY A 117 4.33 -15.64 -2.84
CA GLY A 117 2.95 -15.52 -3.32
C GLY A 117 2.26 -16.89 -3.10
N ARG A 118 1.01 -17.00 -3.36
CA ARG A 118 0.31 -18.22 -3.19
C ARG A 118 -0.62 -18.47 -4.44
N TRP A 119 -0.35 -19.56 -5.12
CA TRP A 119 -1.04 -19.98 -6.31
C TRP A 119 -2.14 -21.01 -6.04
N SER A 121 -4.92 -23.36 -8.45
CA SER A 121 -5.32 -23.75 -9.79
C SER A 121 -6.65 -23.22 -10.22
N GLU A 122 -6.80 -23.03 -11.50
CA GLU A 122 -8.09 -22.68 -12.02
C GLU A 122 -9.18 -23.69 -11.57
N GLU A 123 -8.87 -24.97 -11.59
CA GLU A 123 -9.86 -25.87 -11.13
C GLU A 123 -10.24 -25.63 -9.65
N ASP A 124 -9.26 -25.49 -8.79
CA ASP A 124 -9.57 -25.34 -7.41
C ASP A 124 -10.33 -24.05 -7.15
N PHE A 125 -10.04 -23.05 -7.93
CA PHE A 125 -10.70 -21.81 -7.64
C PHE A 125 -12.10 -21.89 -8.14
N GLU A 126 -12.30 -22.51 -9.31
CA GLU A 126 -13.69 -22.67 -9.72
C GLU A 126 -14.53 -23.33 -8.56
N LYS A 127 -14.02 -24.41 -7.95
CA LYS A 127 -14.82 -25.02 -6.91
C LYS A 127 -15.00 -24.05 -5.72
N ALA A 128 -13.95 -23.30 -5.36
CA ALA A 128 -14.12 -22.37 -4.24
C ALA A 128 -15.13 -21.30 -4.52
N PHE A 129 -15.26 -20.91 -5.77
CA PHE A 129 -16.18 -19.80 -6.02
C PHE A 129 -17.60 -20.32 -5.95
N ASN A 130 -17.85 -21.48 -6.50
CA ASN A 130 -19.17 -22.04 -6.56
C ASN A 130 -19.54 -22.45 -5.12
N ALA A 131 -18.56 -22.67 -4.23
CA ALA A 131 -19.00 -22.96 -2.89
C ALA A 131 -19.31 -21.66 -2.07
N ARG A 132 -19.03 -20.48 -2.64
CA ARG A 132 -19.24 -19.28 -1.86
C ARG A 132 -20.22 -18.26 -2.45
N PHE A 133 -20.12 -17.89 -3.74
CA PHE A 133 -20.92 -16.78 -4.25
C PHE A 133 -22.40 -16.98 -4.60
N PRO A 134 -22.83 -18.18 -4.98
CA PRO A 134 -24.24 -18.32 -5.40
C PRO A 134 -25.15 -17.95 -4.20
N GLY A 135 -26.11 -17.07 -4.43
CA GLY A 135 -26.96 -16.66 -3.32
C GLY A 135 -26.31 -15.72 -2.28
N CYS A 136 -25.06 -15.29 -2.45
CA CYS A 136 -24.47 -14.67 -1.32
C CYS A 136 -24.91 -13.31 -1.00
N LYS A 138 -28.01 -12.31 -0.87
CA LYS A 138 -29.43 -12.28 -0.56
C LYS A 138 -29.74 -11.34 0.60
N GLY A 139 -30.81 -10.55 0.42
CA GLY A 139 -31.24 -9.58 1.38
C GLY A 139 -30.34 -8.36 1.39
N ARG A 140 -29.33 -8.31 0.50
CA ARG A 140 -28.44 -7.14 0.46
C ARG A 140 -28.56 -6.38 -0.86
N THR A 141 -28.01 -5.20 -0.88
CA THR A 141 -28.05 -4.40 -2.03
C THR A 141 -26.71 -4.56 -2.71
N TYR A 143 -23.88 -2.99 -4.75
CA TYR A 143 -23.50 -1.61 -5.21
C TYR A 143 -22.64 -1.72 -6.44
N VAL A 144 -22.71 -0.82 -7.41
CA VAL A 144 -21.85 -0.94 -8.58
C VAL A 144 -20.96 0.27 -8.55
N ILE A 145 -19.65 0.10 -8.45
CA ILE A 145 -18.79 1.21 -8.27
C ILE A 145 -17.90 1.33 -9.44
N PRO A 146 -18.09 2.36 -10.23
CA PRO A 146 -17.14 2.62 -11.34
C PRO A 146 -15.99 3.43 -10.81
N PHE A 147 -14.76 2.97 -11.00
CA PHE A 147 -13.69 3.79 -10.47
C PHE A 147 -12.49 3.77 -11.36
N SER A 148 -11.70 4.82 -11.23
CA SER A 148 -10.50 4.99 -11.96
C SER A 148 -9.28 5.04 -11.03
N GLY A 150 -5.84 6.32 -10.86
CA GLY A 150 -5.05 7.37 -11.49
C GLY A 150 -5.99 8.46 -11.95
N PRO A 151 -5.47 9.62 -12.31
CA PRO A 151 -6.31 10.76 -12.73
C PRO A 151 -7.27 10.36 -13.89
N LEU A 152 -8.53 10.76 -13.80
CA LEU A 152 -9.50 10.46 -14.87
C LEU A 152 -8.91 10.88 -16.19
N GLY A 153 -8.55 9.91 -17.05
CA GLY A 153 -8.14 10.25 -18.38
C GLY A 153 -6.74 9.83 -18.65
N SER A 154 -5.81 10.22 -17.76
CA SER A 154 -4.42 9.87 -17.94
C SER A 154 -4.15 8.55 -18.71
N PRO A 155 -3.11 8.62 -19.50
CA PRO A 155 -2.62 7.48 -20.26
C PRO A 155 -2.14 6.41 -19.29
N LEU A 156 -1.57 6.78 -18.14
CA LEU A 156 -1.26 5.76 -17.12
C LEU A 156 -2.46 5.27 -16.26
N SER A 157 -3.70 5.77 -16.43
CA SER A 157 -4.85 5.33 -15.54
C SER A 157 -5.53 4.07 -16.00
N LYS A 158 -6.06 3.28 -15.05
CA LYS A 158 -6.98 2.17 -15.38
C LYS A 158 -8.28 2.27 -14.65
N ILE A 159 -9.27 1.57 -15.20
CA ILE A 159 -10.53 1.54 -14.64
C ILE A 159 -11.00 0.18 -14.20
N GLY A 160 -11.78 0.18 -13.14
CA GLY A 160 -12.40 -1.03 -12.64
C GLY A 160 -13.84 -0.74 -12.36
N ILE A 161 -14.61 -1.82 -12.34
CA ILE A 161 -15.95 -1.79 -11.85
C ILE A 161 -15.99 -2.68 -10.62
N GLU A 162 -16.32 -2.18 -9.43
CA GLU A 162 -16.32 -3.15 -8.36
C GLU A 162 -17.70 -3.41 -7.94
N LEU A 163 -18.09 -4.67 -7.91
CA LEU A 163 -19.46 -4.97 -7.43
C LEU A 163 -19.32 -5.35 -5.96
N THR A 164 -20.18 -4.84 -5.05
CA THR A 164 -19.92 -5.17 -3.68
C THR A 164 -21.17 -5.17 -2.88
N ASP A 165 -21.16 -5.82 -1.70
CA ASP A 165 -22.37 -5.78 -0.90
C ASP A 165 -22.09 -5.01 0.35
N SER A 166 -20.99 -4.23 0.35
CA SER A 166 -20.74 -3.40 1.51
C SER A 166 -20.77 -1.90 1.25
N PRO A 167 -21.65 -1.16 1.95
CA PRO A 167 -21.68 0.33 1.90
C PRO A 167 -20.35 0.96 2.42
N TYR A 168 -19.71 0.28 3.33
CA TYR A 168 -18.39 0.72 3.84
C TYR A 168 -17.41 0.73 2.63
N VAL A 169 -17.43 -0.33 1.82
CA VAL A 169 -16.56 -0.32 0.63
C VAL A 169 -16.86 0.87 -0.24
N VAL A 170 -18.14 1.12 -0.45
CA VAL A 170 -18.46 2.23 -1.33
C VAL A 170 -17.89 3.54 -0.85
N ALA A 171 -18.18 3.86 0.41
CA ALA A 171 -17.78 5.16 0.91
C ALA A 171 -16.28 5.29 0.99
N SER A 172 -15.62 4.18 1.29
CA SER A 172 -14.16 4.17 1.35
C SER A 172 -13.55 4.30 -0.07
N ARG A 174 -14.91 5.92 -2.38
CA ARG A 174 -15.12 7.29 -2.91
C ARG A 174 -13.86 8.13 -2.64
N ILE A 175 -13.16 7.78 -1.56
CA ILE A 175 -12.00 8.48 -1.09
C ILE A 175 -10.72 7.86 -1.71
N THR A 177 -10.36 6.21 -4.43
CA THR A 177 -10.27 6.19 -5.94
C THR A 177 -11.06 7.39 -6.56
N ARG A 178 -11.00 7.64 -7.87
CA ARG A 178 -11.97 8.54 -8.44
C ARG A 178 -13.18 7.65 -8.67
N GLY A 180 -17.48 7.04 -9.62
CA GLY A 180 -18.84 7.54 -9.84
C GLY A 180 -19.16 7.78 -11.35
N THR A 181 -20.22 8.53 -11.61
CA THR A 181 -20.67 8.71 -13.03
C THR A 181 -19.57 9.09 -14.11
N PRO A 182 -18.77 10.05 -13.73
CA PRO A 182 -17.71 10.56 -14.57
C PRO A 182 -16.76 9.45 -15.02
N VAL A 183 -16.56 8.40 -14.23
CA VAL A 183 -15.64 7.29 -14.62
C VAL A 183 -16.40 6.45 -15.66
N LEU A 184 -17.73 6.26 -15.49
CA LEU A 184 -18.45 5.45 -16.48
C LEU A 184 -18.36 6.16 -17.84
N GLU A 185 -18.41 7.49 -17.77
CA GLU A 185 -18.35 8.36 -18.91
C GLU A 185 -16.99 8.21 -19.58
N ALA A 186 -15.90 8.25 -18.82
CA ALA A 186 -14.59 8.14 -19.42
C ALA A 186 -14.40 6.74 -19.95
N LEU A 187 -14.97 5.71 -19.29
CA LEU A 187 -14.74 4.35 -19.72
C LEU A 187 -15.36 4.14 -21.08
N GLY A 188 -16.54 4.68 -21.31
CA GLY A 188 -17.27 4.37 -22.53
C GLY A 188 -17.16 2.85 -22.70
N ASP A 189 -16.78 2.38 -23.90
CA ASP A 189 -16.86 0.98 -24.16
C ASP A 189 -15.46 0.36 -23.92
N GLY A 190 -14.64 1.07 -23.14
CA GLY A 190 -13.29 0.59 -22.88
C GLY A 190 -13.20 -0.68 -22.03
N GLU A 191 -12.00 -1.18 -21.92
CA GLU A 191 -11.77 -2.29 -21.06
C GLU A 191 -11.70 -1.79 -19.58
N PHE A 192 -12.06 -2.71 -18.69
CA PHE A 192 -12.02 -2.52 -17.27
C PHE A 192 -11.68 -3.78 -16.49
N VAL A 193 -11.16 -3.57 -15.25
CA VAL A 193 -10.88 -4.72 -14.40
C VAL A 193 -12.16 -5.11 -13.65
N LYS A 194 -12.64 -6.31 -13.87
CA LYS A 194 -13.80 -6.77 -13.13
C LYS A 194 -13.47 -7.03 -11.68
N CYS A 195 -14.27 -6.51 -10.79
CA CYS A 195 -13.99 -6.65 -9.38
C CYS A 195 -15.27 -7.00 -8.68
N LEU A 196 -15.22 -8.16 -8.07
CA LEU A 196 -16.37 -8.72 -7.38
C LEU A 196 -16.01 -8.94 -5.94
N HIS A 197 -16.88 -8.49 -5.06
CA HIS A 197 -16.57 -8.61 -3.62
C HIS A 197 -17.87 -8.87 -2.86
N SER A 198 -17.83 -9.67 -1.82
CA SER A 198 -19.02 -9.91 -0.97
C SER A 198 -18.56 -10.20 0.45
N VAL A 199 -19.20 -9.54 1.40
CA VAL A 199 -18.87 -9.78 2.79
C VAL A 199 -19.27 -11.26 3.12
N GLY A 200 -19.90 -11.96 2.19
CA GLY A 200 -20.24 -13.34 2.48
C GLY A 200 -21.28 -13.78 3.55
N CYS A 201 -22.29 -12.98 3.87
CA CYS A 201 -23.28 -13.29 4.90
C CYS A 201 -24.62 -12.85 4.35
N PRO A 202 -25.22 -13.68 3.51
CA PRO A 202 -26.55 -13.40 3.02
C PRO A 202 -27.60 -13.39 4.20
N LEU A 203 -28.65 -12.57 4.13
CA LEU A 203 -29.70 -12.69 5.15
C LEU A 203 -30.69 -13.80 4.73
N PRO A 204 -31.22 -14.51 5.70
CA PRO A 204 -31.01 -14.20 7.12
C PRO A 204 -29.69 -14.64 7.52
N LEU A 205 -29.16 -13.87 8.45
CA LEU A 205 -27.86 -14.12 8.99
C LEU A 205 -27.97 -15.44 9.60
N GLN A 206 -26.93 -16.23 9.36
CA GLN A 206 -26.77 -17.62 9.75
C GLN A 206 -25.83 -17.68 10.90
N LYS A 207 -25.18 -16.56 11.19
CA LYS A 207 -24.25 -16.51 12.28
C LYS A 207 -24.35 -15.15 12.96
N PRO A 208 -23.75 -15.07 14.12
CA PRO A 208 -23.72 -13.81 14.86
C PRO A 208 -22.98 -12.68 14.14
N LEU A 209 -23.51 -11.53 14.40
CA LEU A 209 -22.97 -10.46 13.76
C LEU A 209 -22.29 -9.68 14.85
N VAL A 210 -20.99 -9.45 14.77
CA VAL A 210 -20.33 -8.56 15.68
C VAL A 210 -20.36 -7.11 15.20
N ASN A 211 -20.53 -6.14 16.08
CA ASN A 211 -20.54 -4.72 15.69
C ASN A 211 -21.22 -4.48 14.44
N ASN A 212 -22.32 -5.12 14.20
CA ASN A 212 -22.85 -4.95 12.87
C ASN A 212 -21.81 -5.09 11.72
N TRP A 213 -20.81 -5.92 11.84
CA TRP A 213 -19.78 -5.92 10.80
C TRP A 213 -19.74 -7.33 10.14
N PRO A 214 -20.39 -7.52 9.04
CA PRO A 214 -20.48 -8.89 8.52
C PRO A 214 -19.21 -9.31 7.95
N CYS A 215 -18.78 -10.55 8.20
CA CYS A 215 -17.62 -11.19 7.56
C CYS A 215 -17.80 -12.65 7.71
N ASN A 216 -16.97 -13.39 6.98
CA ASN A 216 -17.02 -14.88 6.95
C ASN A 216 -15.60 -15.35 6.85
N PRO A 217 -15.00 -15.33 7.99
CA PRO A 217 -13.56 -15.62 8.15
C PRO A 217 -13.23 -16.97 7.63
N GLU A 218 -14.14 -17.94 7.77
CA GLU A 218 -13.83 -19.33 7.40
C GLU A 218 -13.77 -19.58 5.87
N LEU A 219 -14.49 -18.74 5.09
CA LEU A 219 -14.62 -18.89 3.63
C LEU A 219 -13.87 -17.75 2.96
N THR A 220 -13.15 -17.06 3.80
CA THR A 220 -12.51 -15.90 3.31
C THR A 220 -11.49 -16.24 2.27
N LEU A 221 -11.66 -15.66 1.07
CA LEU A 221 -10.72 -15.89 -0.01
C LEU A 221 -10.59 -14.61 -0.93
N ILE A 222 -9.38 -14.31 -1.36
CA ILE A 222 -9.17 -13.13 -2.13
C ILE A 222 -8.38 -13.47 -3.29
N ALA A 223 -9.08 -13.41 -4.41
CA ALA A 223 -8.48 -14.07 -5.58
C ALA A 223 -8.24 -13.13 -6.72
N HIS A 224 -7.24 -13.41 -7.54
CA HIS A 224 -6.83 -12.57 -8.69
C HIS A 224 -6.64 -13.52 -9.84
N LEU A 225 -7.29 -13.19 -10.98
CA LEU A 225 -7.26 -13.93 -12.24
C LEU A 225 -6.77 -12.92 -13.35
N PRO A 226 -5.47 -12.72 -13.40
CA PRO A 226 -4.88 -11.75 -14.31
C PRO A 226 -5.28 -12.02 -15.72
N ASP A 227 -5.33 -13.23 -16.21
CA ASP A 227 -5.66 -13.47 -17.61
C ASP A 227 -7.13 -13.09 -17.96
N ARG A 228 -8.01 -13.23 -17.02
CA ARG A 228 -9.34 -12.74 -17.24
C ARG A 228 -9.49 -11.30 -16.69
N ARG A 229 -8.43 -10.74 -16.13
CA ARG A 229 -8.64 -9.40 -15.51
C ARG A 229 -9.85 -9.35 -14.55
N GLU A 230 -9.87 -10.34 -13.70
CA GLU A 230 -10.85 -10.33 -12.65
C GLU A 230 -10.17 -10.41 -11.30
N ILE A 231 -10.76 -9.72 -10.34
CA ILE A 231 -10.37 -9.83 -8.96
C ILE A 231 -11.63 -10.26 -8.22
N ILE A 232 -11.54 -11.32 -7.44
CA ILE A 232 -12.73 -11.92 -6.78
C ILE A 232 -12.41 -12.21 -5.34
N SER A 233 -13.19 -11.59 -4.48
CA SER A 233 -12.92 -11.57 -3.04
C SER A 233 -14.13 -11.93 -2.17
N PHE A 234 -14.00 -12.85 -1.22
CA PHE A 234 -15.15 -13.25 -0.46
C PHE A 234 -14.91 -13.33 0.99
N GLY A 235 -15.79 -12.77 1.78
CA GLY A 235 -15.61 -13.06 3.15
C GLY A 235 -15.04 -12.03 4.09
N SER A 236 -14.41 -10.98 3.61
CA SER A 236 -13.91 -10.03 4.53
C SER A 236 -14.36 -8.63 4.06
N GLY A 237 -14.60 -7.75 5.03
CA GLY A 237 -15.03 -6.42 4.74
C GLY A 237 -13.87 -5.47 4.83
N TYR A 238 -12.72 -6.02 5.15
CA TYR A 238 -11.64 -5.18 5.55
C TYR A 238 -10.67 -4.73 4.48
N GLY A 239 -10.34 -3.44 4.57
CA GLY A 239 -9.21 -2.83 3.97
C GLY A 239 -8.93 -3.38 2.62
N GLY A 240 -7.71 -3.96 2.47
CA GLY A 240 -7.25 -4.53 1.27
C GLY A 240 -7.96 -5.78 0.79
N ASN A 241 -8.85 -6.36 1.59
CA ASN A 241 -9.56 -7.47 1.00
C ASN A 241 -10.88 -7.04 0.36
N SER A 242 -11.22 -5.77 0.52
CA SER A 242 -12.54 -5.39 0.15
C SER A 242 -12.47 -4.11 -0.74
N LEU A 243 -11.55 -3.15 -0.47
CA LEU A 243 -11.37 -1.99 -1.34
C LEU A 243 -10.48 -2.57 -2.44
N LEU A 244 -11.11 -3.09 -3.49
CA LEU A 244 -10.38 -3.91 -4.42
C LEU A 244 -9.31 -3.11 -5.28
N GLY A 245 -9.37 -1.78 -5.34
CA GLY A 245 -8.25 -1.14 -6.03
C GLY A 245 -7.02 -0.97 -5.11
N LYS A 246 -7.16 -1.00 -3.77
CA LYS A 246 -6.05 -0.58 -2.89
C LYS A 246 -4.76 -1.40 -2.88
N LYS A 247 -4.87 -2.75 -3.11
CA LYS A 247 -3.80 -3.74 -3.28
C LYS A 247 -4.04 -4.78 -4.38
N CYS A 248 -5.24 -5.36 -4.45
CA CYS A 248 -5.56 -6.38 -5.47
C CYS A 248 -5.33 -5.88 -6.90
N PHE A 249 -5.81 -4.66 -7.13
CA PHE A 249 -5.72 -4.06 -8.44
C PHE A 249 -4.34 -3.35 -8.56
N ALA A 250 -4.14 -2.34 -7.72
CA ALA A 250 -3.04 -1.39 -7.72
C ALA A 250 -1.64 -2.03 -7.74
N LEU A 251 -1.51 -3.20 -7.06
CA LEU A 251 -0.27 -3.94 -7.01
C LEU A 251 -0.37 -5.30 -7.64
N ARG A 252 -1.28 -6.11 -7.23
CA ARG A 252 -1.21 -7.47 -7.78
C ARG A 252 -1.48 -7.52 -9.26
N ALA A 254 -1.98 -5.04 -11.32
CA ALA A 254 -1.20 -4.03 -12.11
C ALA A 254 0.20 -4.44 -12.38
N SER A 255 0.80 -5.13 -11.39
CA SER A 255 2.20 -5.46 -11.64
C SER A 255 2.21 -6.43 -12.86
N ARG A 256 1.15 -7.17 -13.10
CA ARG A 256 1.15 -8.11 -14.21
C ARG A 256 0.85 -7.36 -15.50
N LEU A 257 -0.04 -6.39 -15.42
CA LEU A 257 -0.26 -5.68 -16.65
C LEU A 257 1.05 -5.02 -16.98
N ALA A 258 1.74 -4.60 -15.92
CA ALA A 258 2.83 -3.68 -16.16
C ALA A 258 3.94 -4.45 -16.80
N LYS A 259 4.08 -5.67 -16.33
CA LYS A 259 5.05 -6.56 -16.88
C LYS A 259 4.72 -6.79 -18.42
N GLU A 260 3.47 -6.98 -18.72
CA GLU A 260 3.06 -7.23 -20.05
C GLU A 260 3.38 -6.00 -20.91
N GLU A 261 3.06 -4.80 -20.37
CA GLU A 261 3.02 -3.56 -21.15
C GLU A 261 4.24 -2.65 -21.03
N GLY A 262 5.29 -3.05 -20.34
CA GLY A 262 6.46 -2.16 -20.25
C GLY A 262 6.50 -1.02 -19.20
N TRP A 263 5.82 -1.14 -18.04
CA TRP A 263 5.82 -0.22 -16.91
C TRP A 263 5.93 -0.93 -15.52
N LEU A 264 5.67 -0.20 -14.46
CA LEU A 264 6.02 -0.77 -13.15
C LEU A 264 4.92 -0.46 -12.23
N ALA A 265 4.49 -1.47 -11.46
CA ALA A 265 3.53 -1.21 -10.38
C ALA A 265 4.18 -1.68 -9.02
N GLU A 266 4.33 -0.73 -8.11
CA GLU A 266 5.15 -0.87 -6.94
C GLU A 266 4.51 -0.34 -5.69
N HIS A 267 4.93 -0.93 -4.55
CA HIS A 267 4.54 -0.50 -3.20
C HIS A 267 5.37 0.74 -2.82
N LEU A 269 5.82 5.08 -2.07
CA LEU A 269 5.41 6.45 -1.96
C LEU A 269 6.09 7.34 -3.09
N VAL A 270 5.60 8.54 -3.28
CA VAL A 270 6.37 9.34 -4.19
C VAL A 270 6.25 10.70 -3.68
N LEU A 271 7.39 11.36 -3.53
CA LEU A 271 7.37 12.73 -3.04
C LEU A 271 8.23 13.58 -3.87
N GLY A 272 8.03 14.86 -3.70
CA GLY A 272 8.75 15.87 -4.45
C GLY A 272 9.44 16.72 -3.39
N ILE A 273 10.74 16.85 -3.58
CA ILE A 273 11.57 17.51 -2.62
C ILE A 273 12.30 18.70 -3.20
N THR A 274 12.24 19.82 -2.47
CA THR A 274 12.84 21.04 -2.97
C THR A 274 13.96 21.59 -2.09
N ASN A 275 15.07 21.97 -2.71
CA ASN A 275 16.18 22.55 -1.93
C ASN A 275 16.06 24.07 -1.79
N PRO A 276 16.89 24.66 -0.98
CA PRO A 276 16.79 26.11 -0.73
C PRO A 276 17.01 26.95 -2.02
N GLU A 277 17.52 26.38 -3.06
CA GLU A 277 17.64 27.08 -4.29
C GLU A 277 16.56 26.80 -5.26
N GLY A 278 15.49 26.12 -4.90
CA GLY A 278 14.39 26.02 -5.85
C GLY A 278 14.41 24.84 -6.81
N GLU A 279 15.46 24.03 -6.73
CA GLU A 279 15.51 22.87 -7.51
C GLU A 279 14.73 21.70 -6.81
N LYS A 280 13.89 21.05 -7.62
CA LYS A 280 12.94 20.07 -7.15
C LYS A 280 13.18 18.72 -7.81
N LYS A 281 13.26 17.63 -7.01
CA LYS A 281 13.39 16.28 -7.47
C LYS A 281 12.29 15.39 -6.85
N TYR A 282 11.81 14.42 -7.64
CA TYR A 282 10.86 13.52 -7.16
C TYR A 282 11.49 12.20 -6.85
N LEU A 283 11.13 11.63 -5.71
CA LEU A 283 11.74 10.36 -5.26
C LEU A 283 10.64 9.38 -4.96
N ALA A 284 10.95 8.12 -5.12
CA ALA A 284 9.97 7.08 -4.80
C ALA A 284 10.54 6.19 -3.72
N ALA A 285 9.74 5.71 -2.79
CA ALA A 285 10.35 4.79 -1.82
C ALA A 285 9.47 3.62 -1.47
N ALA A 286 10.12 2.44 -1.40
CA ALA A 286 9.47 1.20 -1.01
C ALA A 286 9.95 0.72 0.32
N PHE A 287 9.03 0.66 1.28
CA PHE A 287 9.37 0.13 2.60
C PHE A 287 8.19 -0.69 2.85
N PRO A 288 8.32 -1.76 3.67
CA PRO A 288 7.16 -2.59 4.01
C PRO A 288 6.40 -2.01 5.15
N SER A 289 5.32 -2.73 5.45
CA SER A 289 4.49 -2.48 6.61
C SER A 289 5.29 -2.10 7.85
N ALA A 290 4.72 -1.11 8.56
CA ALA A 290 5.36 -0.60 9.77
C ALA A 290 6.64 0.11 9.54
N CYS A 291 6.98 0.42 8.30
CA CYS A 291 8.34 0.98 8.13
C CYS A 291 8.41 2.44 7.71
N GLY A 292 7.22 3.11 7.68
CA GLY A 292 7.26 4.54 7.44
C GLY A 292 7.08 5.25 6.12
N LYS A 293 6.44 4.63 5.15
CA LYS A 293 6.25 5.21 3.92
C LYS A 293 5.42 6.48 4.19
N THR A 294 4.31 6.30 4.84
CA THR A 294 3.46 7.44 5.09
C THR A 294 4.17 8.62 5.80
N ASN A 295 5.07 8.37 6.76
CA ASN A 295 5.75 9.49 7.40
C ASN A 295 6.67 10.19 6.38
N LEU A 296 7.38 9.39 5.57
CA LEU A 296 8.27 10.03 4.66
C LEU A 296 7.51 10.72 3.53
N ALA A 297 6.43 10.14 3.05
CA ALA A 297 5.73 10.78 1.97
C ALA A 297 5.19 12.21 2.25
N ASN A 300 7.55 16.67 7.23
CA ASN A 300 7.86 18.04 7.39
C ASN A 300 9.33 17.99 7.63
N PRO A 301 10.11 18.46 6.70
CA PRO A 301 11.59 18.33 6.83
C PRO A 301 12.13 19.33 7.88
N SER A 302 13.01 18.93 8.77
CA SER A 302 13.64 19.88 9.67
C SER A 302 14.69 20.78 8.98
N LEU A 303 15.19 20.46 7.80
CA LEU A 303 16.23 21.35 7.30
C LEU A 303 15.68 22.69 6.87
N PRO A 304 16.24 23.79 7.37
CA PRO A 304 15.72 25.11 6.95
C PRO A 304 15.84 25.22 5.45
N GLY A 305 14.75 25.70 4.87
CA GLY A 305 14.68 26.00 3.44
C GLY A 305 14.35 24.86 2.45
N TRP A 306 14.20 23.65 2.96
CA TRP A 306 13.90 22.55 2.07
C TRP A 306 12.40 22.39 2.12
N LYS A 307 11.84 21.80 1.06
CA LYS A 307 10.44 21.65 1.06
C LYS A 307 10.11 20.23 0.64
N VAL A 308 9.11 19.61 1.26
CA VAL A 308 8.78 18.25 0.78
C VAL A 308 7.32 18.22 0.40
N GLU A 309 6.93 17.72 -0.76
CA GLU A 309 5.53 17.65 -1.08
C GLU A 309 5.14 16.21 -1.41
N CYS A 310 3.86 15.87 -1.24
CA CYS A 310 3.46 14.48 -1.32
C CYS A 310 2.77 14.23 -2.59
N VAL A 311 3.21 13.21 -3.29
CA VAL A 311 2.50 12.85 -4.48
C VAL A 311 1.58 11.69 -4.17
N GLY A 312 2.11 10.72 -3.40
CA GLY A 312 1.33 9.52 -3.01
C GLY A 312 2.10 8.82 -1.86
N ASP A 313 1.41 8.07 -1.00
CA ASP A 313 2.05 7.45 0.11
C ASP A 313 2.16 5.92 0.05
N ASP A 314 1.59 5.29 -0.95
CA ASP A 314 1.50 3.82 -0.95
C ASP A 314 1.77 3.14 -2.26
N ILE A 315 1.31 3.70 -3.32
CA ILE A 315 1.49 3.01 -4.57
C ILE A 315 2.00 3.88 -5.65
N ALA A 316 2.89 3.34 -6.45
CA ALA A 316 3.37 4.09 -7.63
C ALA A 316 3.35 3.24 -8.93
N TRP A 317 2.81 3.84 -10.00
CA TRP A 317 2.86 3.33 -11.36
C TRP A 317 3.80 4.21 -12.18
N LYS A 319 6.38 4.70 -15.60
CA LYS A 319 6.50 4.36 -17.03
C LYS A 319 7.43 5.34 -17.72
N PHE A 320 8.40 4.84 -18.46
CA PHE A 320 9.41 5.64 -19.16
C PHE A 320 8.64 6.47 -20.13
N ASP A 321 8.94 7.77 -20.11
CA ASP A 321 8.42 8.66 -21.12
C ASP A 321 9.37 8.64 -22.33
N ALA A 322 8.96 9.38 -23.35
CA ALA A 322 9.64 9.45 -24.62
C ALA A 322 11.08 9.88 -24.56
N GLN A 323 11.46 10.59 -23.51
CA GLN A 323 12.87 10.94 -23.40
C GLN A 323 13.56 10.01 -22.43
N GLY A 324 12.98 8.88 -22.11
CA GLY A 324 13.68 8.00 -21.18
C GLY A 324 13.52 8.29 -19.69
N HIS A 325 12.78 9.31 -19.26
CA HIS A 325 12.53 9.41 -17.82
C HIS A 325 11.44 8.47 -17.31
N LEU A 326 11.66 7.93 -16.14
CA LEU A 326 10.71 7.13 -15.41
C LEU A 326 9.68 8.02 -14.79
N ARG A 327 8.44 8.02 -15.29
CA ARG A 327 7.36 8.82 -14.72
C ARG A 327 6.41 8.03 -13.75
N ALA A 328 6.11 8.66 -12.60
CA ALA A 328 5.25 8.08 -11.63
C ALA A 328 3.94 8.86 -11.55
N ILE A 329 2.84 8.13 -11.60
CA ILE A 329 1.64 8.70 -11.16
C ILE A 329 1.19 7.84 -9.90
N ASN A 330 0.37 8.47 -9.09
CA ASN A 330 -0.12 7.82 -7.91
C ASN A 330 -1.47 7.36 -8.38
N PRO A 331 -1.82 6.08 -8.49
CA PRO A 331 -3.11 5.77 -9.05
C PRO A 331 -4.18 5.78 -7.93
N GLU A 332 -3.85 6.25 -6.75
CA GLU A 332 -4.80 6.38 -5.69
C GLU A 332 -5.26 7.82 -5.55
N ASN A 333 -6.35 7.96 -4.80
CA ASN A 333 -7.03 9.23 -4.63
C ASN A 333 -6.95 9.66 -3.18
N GLY A 334 -6.32 8.81 -2.33
CA GLY A 334 -6.38 9.06 -0.89
C GLY A 334 -5.26 8.41 -0.13
N PHE A 335 -5.30 8.52 1.20
CA PHE A 335 -4.30 7.89 2.00
C PHE A 335 -5.09 6.91 2.88
N PHE A 336 -4.76 5.64 2.85
CA PHE A 336 -5.30 4.58 3.73
C PHE A 336 -4.21 4.24 4.79
N GLY A 337 -4.05 5.20 5.72
CA GLY A 337 -3.01 5.34 6.75
C GLY A 337 -3.21 4.52 8.00
N VAL A 338 -2.15 3.85 8.41
CA VAL A 338 -2.05 3.25 9.68
C VAL A 338 -2.17 4.41 10.68
N ALA A 339 -3.07 4.29 11.64
CA ALA A 339 -3.27 5.37 12.58
C ALA A 339 -2.33 5.40 13.78
N PRO A 340 -2.22 4.29 14.46
CA PRO A 340 -1.41 4.33 15.68
C PRO A 340 -0.05 4.80 15.31
N GLY A 341 0.59 5.55 16.22
CA GLY A 341 1.87 6.18 15.94
C GLY A 341 1.75 7.52 15.21
N THR A 342 0.63 7.83 14.61
CA THR A 342 0.46 9.17 14.10
C THR A 342 0.27 10.30 15.18
N SER A 343 1.05 11.35 15.01
CA SER A 343 0.96 12.44 15.99
C SER A 343 1.48 13.63 15.36
N VAL A 344 1.28 14.76 16.03
CA VAL A 344 1.72 16.05 15.58
C VAL A 344 3.24 16.06 15.32
N LYS A 345 3.96 15.32 16.16
CA LYS A 345 5.36 15.20 16.10
C LYS A 345 5.84 14.25 15.00
N THR A 346 5.19 13.09 14.84
CA THR A 346 5.71 12.14 13.91
C THR A 346 5.16 12.42 12.53
N ASN A 347 3.96 12.96 12.45
CA ASN A 347 3.45 13.15 11.12
C ASN A 347 2.43 14.29 11.07
N PRO A 348 2.91 15.52 11.22
CA PRO A 348 1.95 16.63 11.39
C PRO A 348 1.12 16.83 10.09
N ASN A 349 1.67 16.55 8.93
CA ASN A 349 0.85 16.74 7.80
C ASN A 349 -0.29 15.68 7.76
N ALA A 350 0.03 14.45 8.14
CA ALA A 350 -1.07 13.49 8.25
C ALA A 350 -2.14 14.04 9.29
N ILE A 351 -1.69 14.54 10.44
CA ILE A 351 -2.70 15.03 11.36
C ILE A 351 -3.58 16.12 10.71
N LYS A 352 -2.99 17.09 10.03
CA LYS A 352 -3.91 18.05 9.42
C LYS A 352 -4.89 17.41 8.38
N THR A 353 -4.35 16.45 7.63
CA THR A 353 -5.17 15.85 6.61
C THR A 353 -6.52 15.28 7.12
N ILE A 354 -6.47 14.50 8.17
CA ILE A 354 -7.63 13.77 8.58
C ILE A 354 -8.50 14.60 9.48
N GLN A 355 -8.22 15.91 9.57
CA GLN A 355 -9.10 16.77 10.37
C GLN A 355 -10.54 16.72 9.86
N LYS A 356 -10.80 16.33 8.61
CA LYS A 356 -12.13 16.30 7.98
C LYS A 356 -12.39 15.16 6.99
N ASN A 357 -13.66 14.95 6.76
CA ASN A 357 -14.12 14.05 5.72
C ASN A 357 -13.29 12.79 5.72
N THR A 358 -13.12 12.20 6.91
CA THR A 358 -12.29 11.11 6.98
C THR A 358 -12.97 9.92 7.71
N ILE A 359 -12.79 8.69 7.20
CA ILE A 359 -13.38 7.53 7.82
C ILE A 359 -12.28 6.81 8.53
N PHE A 360 -12.49 6.48 9.79
CA PHE A 360 -11.49 5.76 10.56
C PHE A 360 -11.99 4.40 10.87
N THR A 361 -11.13 3.46 11.16
CA THR A 361 -11.58 2.08 11.34
C THR A 361 -10.73 1.45 12.35
N ASN A 362 -11.38 1.02 13.39
CA ASN A 362 -10.73 0.32 14.49
C ASN A 362 -9.88 1.23 15.37
N VAL A 363 -10.18 2.53 15.44
CA VAL A 363 -9.40 3.29 16.37
C VAL A 363 -10.30 3.48 17.61
N ALA A 364 -9.75 4.07 18.67
CA ALA A 364 -10.53 4.36 19.90
C ALA A 364 -11.25 5.71 19.74
N GLU A 365 -12.30 5.86 20.55
CA GLU A 365 -13.07 7.05 20.59
C GLU A 365 -13.10 7.75 21.97
N THR A 366 -12.77 9.02 21.97
CA THR A 366 -12.89 9.79 23.22
C THR A 366 -14.34 10.18 23.52
N SER A 367 -14.65 10.45 24.79
CA SER A 367 -16.00 10.92 25.21
C SER A 367 -16.44 12.27 24.53
N ASP A 368 -15.52 13.09 24.06
CA ASP A 368 -16.03 14.21 23.32
C ASP A 368 -16.11 13.93 21.85
N GLY A 369 -16.14 12.65 21.42
CA GLY A 369 -16.28 12.30 20.01
C GLY A 369 -15.03 12.48 19.10
N GLY A 370 -13.84 12.29 19.67
CA GLY A 370 -12.54 12.42 18.97
C GLY A 370 -11.98 11.02 18.74
N VAL A 371 -10.86 10.88 18.05
CA VAL A 371 -10.32 9.54 17.91
C VAL A 371 -9.17 9.40 18.86
N TYR A 372 -8.69 8.17 19.06
CA TYR A 372 -7.49 8.09 19.91
C TYR A 372 -6.70 6.89 19.51
N TRP A 373 -5.38 6.89 19.75
CA TRP A 373 -4.64 5.67 19.52
C TRP A 373 -3.30 5.66 20.20
N GLU A 374 -2.71 4.49 20.26
CA GLU A 374 -1.34 4.40 20.75
C GLU A 374 -0.50 5.38 19.95
N GLY A 375 0.30 6.16 20.66
CA GLY A 375 1.29 7.02 20.08
C GLY A 375 0.70 8.33 19.58
N ILE A 376 -0.57 8.60 19.85
CA ILE A 376 -1.11 9.92 19.41
C ILE A 376 -0.49 11.07 20.18
N ASP A 377 0.05 10.72 21.35
CA ASP A 377 0.78 11.66 22.20
C ASP A 377 -0.05 12.89 22.37
N GLU A 378 -1.30 12.80 22.78
CA GLU A 378 -2.18 13.97 22.88
C GLU A 378 -2.99 13.84 24.17
N PRO A 379 -2.57 14.53 25.19
CA PRO A 379 -3.22 14.44 26.49
C PRO A 379 -4.69 14.77 26.43
N LEU A 380 -5.46 13.91 27.11
CA LEU A 380 -6.90 14.04 27.15
C LEU A 380 -7.19 15.10 28.14
N ALA A 381 -8.21 15.89 27.88
CA ALA A 381 -8.68 16.86 28.85
C ALA A 381 -9.33 16.18 30.05
N SER A 382 -9.57 16.99 31.08
CA SER A 382 -10.14 16.52 32.34
C SER A 382 -11.52 15.95 32.05
N GLY A 383 -11.74 14.70 32.45
CA GLY A 383 -13.05 14.13 32.29
C GLY A 383 -13.30 13.58 30.88
N VAL A 384 -12.26 13.48 30.08
CA VAL A 384 -12.52 12.89 28.79
C VAL A 384 -12.10 11.44 28.96
N THR A 385 -12.96 10.48 28.63
CA THR A 385 -12.53 9.14 28.78
C THR A 385 -12.45 8.51 27.37
N ILE A 386 -11.97 7.28 27.27
CA ILE A 386 -11.71 6.62 26.02
C ILE A 386 -12.51 5.35 25.84
N THR A 387 -13.10 5.07 24.67
CA THR A 387 -13.71 3.77 24.46
C THR A 387 -12.82 3.16 23.43
N SER A 388 -12.31 1.98 23.73
CA SER A 388 -11.41 1.25 22.88
C SER A 388 -12.08 0.78 21.60
N TRP A 389 -11.30 0.25 20.64
CA TRP A 389 -11.88 -0.24 19.39
C TRP A 389 -12.77 -1.45 19.62
N LYS A 390 -12.74 -2.09 20.78
CA LYS A 390 -13.70 -3.18 21.04
C LYS A 390 -14.88 -2.67 21.78
N ASN A 391 -15.02 -1.38 21.89
CA ASN A 391 -16.23 -0.87 22.52
C ASN A 391 -16.30 -1.04 24.05
N LYS A 392 -15.17 -0.86 24.74
CA LYS A 392 -15.10 -1.05 26.20
C LYS A 392 -14.44 0.16 26.72
N GLU A 393 -14.86 0.59 27.90
CA GLU A 393 -14.17 1.67 28.54
C GLU A 393 -12.72 1.19 28.75
N TRP A 394 -11.78 2.06 28.51
CA TRP A 394 -10.43 1.60 28.43
C TRP A 394 -9.52 2.38 29.33
N SER A 395 -8.42 1.79 29.71
CA SER A 395 -7.41 2.59 30.42
C SER A 395 -6.08 1.99 30.06
N SER A 396 -4.96 2.60 30.49
CA SER A 396 -3.62 1.97 30.24
C SER A 396 -3.37 0.72 31.10
N GLU A 397 -4.25 0.51 32.08
CA GLU A 397 -3.95 -0.53 33.04
C GLU A 397 -4.41 -1.82 32.46
N ASP A 398 -5.19 -1.83 31.39
CA ASP A 398 -5.32 -3.16 30.82
C ASP A 398 -4.11 -3.48 30.00
N GLY A 399 -4.04 -4.70 29.52
CA GLY A 399 -2.89 -5.02 28.73
C GLY A 399 -3.31 -4.96 27.28
N GLU A 400 -4.20 -4.08 26.87
CA GLU A 400 -4.48 -4.06 25.41
C GLU A 400 -4.53 -2.67 24.85
N PRO A 401 -4.17 -2.53 23.60
CA PRO A 401 -4.01 -1.19 23.02
C PRO A 401 -5.46 -0.72 22.84
N CYS A 402 -5.70 0.55 22.96
CA CYS A 402 -7.04 1.04 22.79
C CYS A 402 -7.42 1.04 21.29
N ALA A 403 -6.44 0.95 20.39
CA ALA A 403 -6.81 0.84 18.93
C ALA A 403 -6.21 -0.39 18.37
N HIS A 404 -6.81 -0.95 17.37
CA HIS A 404 -6.13 -2.03 16.79
C HIS A 404 -4.80 -1.55 16.19
N PRO A 405 -3.78 -2.37 16.21
CA PRO A 405 -2.45 -1.87 15.83
C PRO A 405 -2.30 -1.64 14.37
N ASN A 406 -3.21 -2.15 13.57
CA ASN A 406 -3.17 -1.79 12.19
C ASN A 406 -4.52 -1.04 11.79
N SER A 407 -5.14 -0.46 12.81
CA SER A 407 -6.25 0.44 12.51
C SER A 407 -5.84 1.57 11.45
N ARG A 408 -6.78 2.04 10.71
CA ARG A 408 -6.58 2.88 9.63
C ARG A 408 -7.43 4.15 9.66
N PHE A 409 -6.96 5.18 8.93
CA PHE A 409 -7.82 6.27 8.66
C PHE A 409 -7.86 6.21 7.13
N CYS A 410 -8.85 6.85 6.54
CA CYS A 410 -8.99 6.79 5.11
C CYS A 410 -9.44 8.19 4.76
N THR A 411 -8.55 8.97 4.14
CA THR A 411 -8.70 10.38 4.02
C THR A 411 -8.40 10.96 2.60
N PRO A 412 -9.05 12.01 2.18
CA PRO A 412 -8.78 12.52 0.81
C PRO A 412 -7.33 12.98 0.57
N ALA A 413 -6.75 12.58 -0.55
CA ALA A 413 -5.41 13.04 -0.75
C ALA A 413 -5.39 14.55 -0.95
N SER A 414 -6.48 15.10 -1.49
CA SER A 414 -6.54 16.55 -1.76
C SER A 414 -6.51 17.44 -0.53
N GLN A 415 -6.79 16.87 0.62
CA GLN A 415 -6.69 17.63 1.87
C GLN A 415 -5.28 17.64 2.53
N CYS A 416 -4.26 17.02 1.95
CA CYS A 416 -2.93 17.01 2.59
C CYS A 416 -2.42 18.43 2.39
N PRO A 417 -2.03 19.17 3.43
CA PRO A 417 -1.65 20.60 3.26
C PRO A 417 -0.44 20.71 2.32
N ILE A 418 0.35 19.64 2.14
CA ILE A 418 1.49 19.67 1.19
C ILE A 418 1.35 18.71 0.02
N ILE A 419 0.14 18.37 -0.35
CA ILE A 419 -0.06 17.61 -1.59
C ILE A 419 0.64 18.37 -2.68
N ASP A 420 1.42 17.69 -3.50
CA ASP A 420 2.20 18.25 -4.59
C ASP A 420 1.31 18.82 -5.75
N ALA A 421 1.72 19.92 -6.37
CA ALA A 421 0.87 20.50 -7.44
C ALA A 421 0.77 19.57 -8.64
N ALA A 422 1.72 18.62 -8.75
CA ALA A 422 1.59 17.64 -9.83
C ALA A 422 0.99 16.27 -9.45
N TRP A 423 0.32 16.19 -8.31
CA TRP A 423 -0.10 14.84 -7.87
C TRP A 423 -1.11 14.22 -8.82
N GLU A 424 -1.77 15.01 -9.65
CA GLU A 424 -2.79 14.47 -10.56
C GLU A 424 -2.36 14.85 -11.92
N SER A 425 -1.16 15.24 -12.12
CA SER A 425 -0.90 15.56 -13.50
C SER A 425 -0.74 14.26 -14.41
N PRO A 426 -1.53 14.21 -15.47
CA PRO A 426 -1.68 12.96 -16.24
C PRO A 426 -0.39 12.50 -16.90
N GLU A 427 0.60 13.33 -16.93
CA GLU A 427 1.82 12.76 -17.47
C GLU A 427 2.79 12.13 -16.40
N GLY A 428 2.44 12.29 -15.14
CA GLY A 428 3.24 11.80 -14.01
C GLY A 428 4.46 12.66 -13.72
N VAL A 429 5.20 12.32 -12.63
CA VAL A 429 6.43 13.03 -12.28
C VAL A 429 7.71 12.20 -12.51
N PRO A 430 8.81 12.88 -12.91
CA PRO A 430 10.06 12.18 -13.29
C PRO A 430 10.84 11.76 -12.05
N ILE A 431 11.04 10.44 -11.94
CA ILE A 431 11.56 9.92 -10.65
C ILE A 431 13.01 9.99 -10.83
N GLU A 432 13.70 10.67 -9.93
CA GLU A 432 15.14 10.72 -10.08
C GLU A 432 15.90 9.81 -9.09
N GLY A 433 15.13 9.29 -8.11
CA GLY A 433 15.62 8.44 -7.07
C GLY A 433 14.60 7.40 -6.57
N ILE A 434 15.10 6.18 -6.43
CA ILE A 434 14.34 5.12 -5.84
C ILE A 434 15.00 4.70 -4.56
N ILE A 435 14.21 4.68 -3.50
CA ILE A 435 14.70 4.31 -2.20
C ILE A 435 14.14 2.99 -1.63
N PHE A 436 15.01 2.11 -1.16
CA PHE A 436 14.58 0.87 -0.53
C PHE A 436 14.93 0.88 0.92
N GLY A 437 14.27 0.06 1.71
CA GLY A 437 14.75 -0.02 3.09
C GLY A 437 13.72 -0.63 4.01
N GLY A 438 14.14 -0.98 5.23
CA GLY A 438 13.27 -1.64 6.24
C GLY A 438 13.72 -1.39 7.66
N ARG A 439 13.20 -2.20 8.56
CA ARG A 439 13.66 -2.01 9.94
C ARG A 439 14.91 -2.93 10.21
N ARG A 440 16.05 -2.39 10.48
CA ARG A 440 17.08 -3.38 10.79
C ARG A 440 17.78 -2.84 12.00
N PRO A 441 17.63 -3.56 13.07
CA PRO A 441 18.19 -3.16 14.36
C PRO A 441 19.75 -3.18 14.36
N ALA A 442 20.32 -4.06 13.57
CA ALA A 442 21.77 -4.14 13.61
C ALA A 442 22.31 -4.13 12.18
N GLY A 443 23.60 -3.71 12.02
CA GLY A 443 24.40 -3.99 10.85
C GLY A 443 24.33 -3.16 9.59
N VAL A 444 23.18 -2.54 9.36
CA VAL A 444 22.88 -1.81 8.15
C VAL A 444 22.85 -0.35 8.49
N PRO A 445 23.73 0.32 7.81
CA PRO A 445 24.00 1.73 7.99
C PRO A 445 22.81 2.53 7.59
N LEU A 446 22.75 3.77 8.09
CA LEU A 446 21.63 4.71 7.89
C LEU A 446 21.27 4.87 6.42
N VAL A 447 22.25 4.93 5.57
CA VAL A 447 21.99 5.07 4.17
C VAL A 447 23.17 4.61 3.35
N TYR A 448 22.93 3.98 2.21
CA TYR A 448 24.01 3.73 1.26
C TYR A 448 23.46 3.81 -0.09
N GLU A 449 24.33 3.98 -1.10
CA GLU A 449 23.88 4.05 -2.48
C GLU A 449 24.38 2.84 -3.24
N ALA A 450 23.52 2.30 -4.11
CA ALA A 450 23.78 1.19 -5.04
C ALA A 450 24.96 1.54 -6.01
N LEU A 451 25.75 0.55 -6.45
CA LEU A 451 26.86 0.78 -7.34
C LEU A 451 26.43 0.80 -8.75
N SER A 452 25.28 0.21 -9.06
CA SER A 452 24.82 0.23 -10.47
C SER A 452 23.39 -0.14 -10.43
N TRP A 453 22.70 0.00 -11.55
CA TRP A 453 21.33 -0.47 -11.67
C TRP A 453 21.19 -1.94 -11.22
N GLN A 454 22.09 -2.75 -11.73
CA GLN A 454 21.97 -4.17 -11.51
C GLN A 454 22.10 -4.41 -10.00
N HIS A 455 23.08 -3.77 -9.40
CA HIS A 455 23.27 -3.86 -7.95
C HIS A 455 22.01 -3.34 -7.19
N GLY A 456 21.39 -2.32 -7.76
CA GLY A 456 20.21 -1.67 -7.17
C GLY A 456 19.08 -2.67 -7.22
N VAL A 457 19.04 -3.42 -8.31
CA VAL A 457 17.98 -4.39 -8.37
C VAL A 457 18.08 -5.51 -7.27
N PHE A 458 19.32 -5.90 -7.01
CA PHE A 458 19.72 -6.90 -6.07
C PHE A 458 19.48 -6.32 -4.70
N VAL A 459 19.83 -5.02 -4.54
CA VAL A 459 19.56 -4.34 -3.26
C VAL A 459 18.06 -4.44 -2.84
N GLY A 460 17.16 -4.05 -3.73
CA GLY A 460 15.72 -4.29 -3.52
C GLY A 460 15.40 -5.80 -3.34
N ALA A 461 16.08 -6.69 -4.09
CA ALA A 461 15.79 -8.09 -4.02
C ALA A 461 16.21 -8.68 -2.65
N ALA A 462 17.11 -7.95 -2.01
CA ALA A 462 17.66 -8.46 -0.84
C ALA A 462 17.01 -7.92 0.46
N ARG A 464 15.29 -7.05 3.89
CA ARG A 464 14.76 -7.81 5.02
C ARG A 464 14.30 -6.83 6.04
N SER A 465 13.36 -7.20 6.87
CA SER A 465 12.87 -6.23 7.84
C SER A 465 12.43 -6.92 9.09
N GLU A 466 12.60 -6.33 10.25
CA GLU A 466 12.22 -7.09 11.40
C GLU A 466 10.80 -6.88 11.59
N ALA A 467 10.00 -7.91 11.65
CA ALA A 467 8.58 -7.66 11.73
C ALA A 467 8.06 -7.99 13.11
N LYS A 476 10.22 -10.68 17.55
CA LYS A 476 11.66 -10.74 17.13
C LYS A 476 12.03 -11.53 15.85
N ILE A 477 11.34 -11.29 14.75
CA ILE A 477 11.69 -12.01 13.54
C ILE A 477 12.13 -11.04 12.48
N ILE A 478 13.18 -11.40 11.76
CA ILE A 478 13.50 -10.56 10.64
C ILE A 478 13.15 -11.37 9.42
N HIS A 480 12.46 -11.59 5.03
CA HIS A 480 12.70 -11.07 3.64
C HIS A 480 11.42 -10.49 3.08
N ASP A 481 11.58 -9.30 2.47
CA ASP A 481 10.45 -8.58 1.85
C ASP A 481 10.90 -7.81 0.60
N PRO A 482 11.25 -8.57 -0.45
CA PRO A 482 11.98 -7.97 -1.57
C PRO A 482 11.19 -6.81 -2.10
N PHE A 483 11.86 -5.70 -2.32
CA PHE A 483 11.14 -4.57 -2.80
C PHE A 483 9.86 -4.20 -2.02
N ALA A 484 9.71 -4.67 -0.80
CA ALA A 484 8.43 -4.46 -0.12
C ALA A 484 7.21 -4.92 -0.93
N ARG A 486 6.59 -8.47 -1.11
CA ARG A 486 6.37 -9.88 -0.82
C ARG A 486 4.88 -10.34 -0.87
N PRO A 487 3.93 -9.63 -0.27
CA PRO A 487 2.52 -10.09 -0.31
C PRO A 487 1.89 -9.63 -1.59
N PHE A 488 2.62 -8.99 -2.52
CA PHE A 488 1.91 -8.29 -3.60
C PHE A 488 2.30 -8.64 -5.03
N PHE A 489 3.29 -9.55 -5.15
CA PHE A 489 3.70 -9.96 -6.47
C PHE A 489 2.55 -10.47 -7.22
N GLY A 490 2.37 -9.95 -8.42
CA GLY A 490 1.25 -10.45 -9.21
C GLY A 490 1.68 -11.53 -10.17
N TYR A 491 2.97 -11.85 -10.16
CA TYR A 491 3.44 -12.94 -11.01
C TYR A 491 4.77 -13.30 -10.44
N ASN A 492 5.41 -14.24 -11.09
CA ASN A 492 6.66 -14.82 -10.69
C ASN A 492 7.74 -13.78 -10.34
N PHE A 493 8.15 -13.80 -9.10
CA PHE A 493 9.13 -12.88 -8.66
C PHE A 493 10.39 -12.95 -9.49
N GLY A 494 10.87 -14.13 -9.88
CA GLY A 494 12.09 -14.19 -10.72
C GLY A 494 11.82 -13.42 -12.04
N LYS A 495 10.62 -13.52 -12.60
CA LYS A 495 10.36 -12.71 -13.79
C LYS A 495 10.21 -11.23 -13.43
N TYR A 496 9.80 -10.95 -12.21
CA TYR A 496 9.74 -9.58 -11.84
C TYR A 496 11.17 -8.99 -11.75
N LEU A 497 12.16 -9.80 -11.25
CA LEU A 497 13.50 -9.26 -11.18
C LEU A 497 14.03 -9.07 -12.62
N ALA A 498 13.66 -9.96 -13.53
CA ALA A 498 14.19 -9.76 -14.92
C ALA A 498 13.57 -8.50 -15.58
N HIS A 499 12.30 -8.26 -15.26
CA HIS A 499 11.61 -7.18 -15.83
C HIS A 499 12.29 -5.88 -15.37
N TRP A 500 12.60 -5.75 -14.06
CA TRP A 500 13.28 -4.59 -13.54
C TRP A 500 14.67 -4.52 -14.14
N LEU A 501 15.38 -5.64 -14.28
CA LEU A 501 16.72 -5.61 -14.87
C LEU A 501 16.63 -5.04 -16.28
N SER A 502 15.59 -5.48 -16.97
CA SER A 502 15.41 -5.10 -18.38
C SER A 502 15.39 -3.59 -18.66
N ALA A 504 17.43 -1.38 -17.77
CA ALA A 504 18.69 -0.84 -18.12
C ALA A 504 18.92 -1.06 -19.55
N GLN A 505 17.96 -1.58 -20.31
CA GLN A 505 18.25 -1.74 -21.72
C GLN A 505 17.28 -0.89 -22.48
N HIS A 506 16.44 -0.16 -21.75
CA HIS A 506 15.51 0.71 -22.44
C HIS A 506 16.27 1.85 -23.20
N PRO A 507 15.92 2.08 -24.45
CA PRO A 507 16.66 3.06 -25.24
C PRO A 507 16.77 4.38 -24.47
N ALA A 508 17.98 4.79 -24.24
CA ALA A 508 18.25 6.09 -23.63
C ALA A 508 17.68 6.28 -22.20
N ALA A 509 17.58 5.17 -21.46
CA ALA A 509 16.96 5.27 -20.15
C ALA A 509 17.68 6.22 -19.22
N LYS A 510 16.89 7.08 -18.52
CA LYS A 510 17.47 7.87 -17.46
C LYS A 510 17.21 7.08 -16.16
N LEU A 511 18.16 6.25 -15.76
CA LEU A 511 17.84 5.41 -14.63
C LEU A 511 17.86 6.16 -13.34
N PRO A 512 16.81 6.06 -12.58
CA PRO A 512 16.87 6.67 -11.22
C PRO A 512 18.08 6.10 -10.40
N LYS A 513 18.76 6.98 -9.67
CA LYS A 513 19.76 6.49 -8.73
C LYS A 513 19.03 5.64 -7.57
N ILE A 514 19.66 4.53 -7.13
CA ILE A 514 19.10 3.69 -6.15
C ILE A 514 19.76 3.71 -4.81
N PHE A 515 18.97 3.75 -3.74
CA PHE A 515 19.51 3.90 -2.37
C PHE A 515 18.84 2.98 -1.41
N HIS A 516 19.50 2.71 -0.31
CA HIS A 516 18.87 1.88 0.71
C HIS A 516 19.14 2.64 1.99
N VAL A 517 18.11 2.79 2.80
CA VAL A 517 18.23 3.46 4.06
C VAL A 517 17.78 2.47 5.15
N ASN A 518 18.05 2.88 6.34
CA ASN A 518 17.61 2.16 7.47
C ASN A 518 17.45 3.19 8.61
N TRP A 519 16.21 3.51 8.98
CA TRP A 519 16.01 4.53 10.01
C TRP A 519 16.06 3.84 11.38
N PHE A 520 16.22 2.53 11.40
CA PHE A 520 15.94 1.86 12.66
C PHE A 520 17.11 1.16 13.32
N ARG A 521 18.33 1.55 12.99
CA ARG A 521 19.47 0.94 13.61
C ARG A 521 19.46 1.25 15.11
N LYS A 522 19.75 0.23 15.88
CA LYS A 522 19.80 0.38 17.36
C LYS A 522 21.18 0.19 18.02
N ASP A 523 21.36 0.92 19.14
CA ASP A 523 22.56 0.71 19.97
C ASP A 523 22.36 -0.56 20.86
N LYS A 524 23.30 -0.89 21.73
CA LYS A 524 23.06 -2.15 22.40
C LYS A 524 21.98 -2.12 23.48
N GLU A 525 21.58 -0.93 23.91
CA GLU A 525 20.47 -0.89 24.84
C GLU A 525 19.13 -0.87 24.06
N GLY A 526 19.23 -0.90 22.73
CA GLY A 526 18.02 -0.95 21.93
C GLY A 526 17.47 0.42 21.59
N LYS A 527 18.27 1.47 21.82
CA LYS A 527 17.76 2.78 21.45
C LYS A 527 18.23 3.13 20.05
N PHE A 528 17.33 3.83 19.39
CA PHE A 528 17.58 4.26 18.02
C PHE A 528 18.79 5.08 17.87
N LEU A 529 19.62 4.72 16.94
CA LEU A 529 20.79 5.61 16.76
C LEU A 529 20.40 6.94 16.07
N TRP A 530 19.27 6.94 15.33
CA TRP A 530 18.90 8.08 14.50
C TRP A 530 17.53 8.57 14.82
N PRO A 531 17.40 9.84 14.98
CA PRO A 531 16.09 10.41 15.40
C PRO A 531 15.06 10.30 14.34
N GLY A 532 15.43 10.26 13.07
CA GLY A 532 14.39 10.05 12.02
C GLY A 532 13.29 11.09 11.86
N PHE A 533 12.18 10.64 11.28
CA PHE A 533 11.10 11.50 11.09
C PHE A 533 11.59 12.66 10.25
N GLY A 534 11.27 13.87 10.73
CA GLY A 534 11.63 15.12 10.09
C GLY A 534 13.15 15.23 9.84
N GLU A 535 13.98 14.65 10.72
CA GLU A 535 15.43 14.62 10.46
C GLU A 535 15.81 13.76 9.24
N ASN A 536 14.89 12.93 8.73
CA ASN A 536 15.27 12.19 7.49
C ASN A 536 15.56 13.07 6.28
N SER A 537 15.08 14.29 6.30
CA SER A 537 15.36 15.29 5.29
C SER A 537 16.86 15.41 5.16
N ARG A 538 17.60 15.14 6.24
CA ARG A 538 19.11 15.19 6.08
C ARG A 538 19.56 14.08 5.20
N VAL A 539 18.95 12.91 5.34
CA VAL A 539 19.39 11.83 4.45
C VAL A 539 18.99 12.17 3.00
N LEU A 540 17.81 12.74 2.83
CA LEU A 540 17.37 13.14 1.51
C LEU A 540 18.29 14.12 0.81
N GLU A 541 18.89 15.02 1.61
CA GLU A 541 19.72 16.07 1.06
C GLU A 541 20.98 15.39 0.52
N TRP A 542 21.53 14.47 1.29
CA TRP A 542 22.59 13.75 0.74
C TRP A 542 22.15 13.04 -0.60
N PHE A 544 19.80 13.80 -2.78
CA PHE A 544 19.48 14.87 -3.74
C PHE A 544 20.80 15.31 -4.34
N ASN A 545 21.77 15.60 -3.54
CA ASN A 545 23.05 16.10 -4.12
C ASN A 545 23.88 15.01 -4.88
N ARG A 546 23.71 13.73 -4.54
CA ARG A 546 24.48 12.65 -5.16
C ARG A 546 23.80 12.60 -6.46
N ILE A 547 22.47 12.78 -6.49
CA ILE A 547 21.81 12.76 -7.80
C ILE A 547 22.48 13.82 -8.75
N ASP A 548 22.85 14.98 -8.15
CA ASP A 548 23.42 16.12 -8.90
C ASP A 548 24.88 15.90 -9.03
N GLY A 549 25.29 14.76 -8.56
CA GLY A 549 26.69 14.43 -8.62
C GLY A 549 27.50 15.27 -7.70
N SER A 552 29.74 14.07 -1.22
CA SER A 552 30.07 13.01 -2.21
C SER A 552 30.26 11.58 -1.50
N THR A 553 30.89 10.62 -2.15
CA THR A 553 30.86 9.28 -1.60
C THR A 553 32.11 8.64 -1.00
N LYS A 554 31.85 7.64 -0.15
CA LYS A 554 32.90 6.73 0.26
C LYS A 554 32.54 5.29 -0.12
N LEU A 555 33.47 4.67 -0.85
CA LEU A 555 33.19 3.31 -1.35
C LEU A 555 33.27 2.32 -0.19
N THR A 556 32.28 1.43 -0.08
CA THR A 556 32.35 0.32 0.87
C THR A 556 31.93 -0.85 0.08
N PRO A 557 32.10 -2.05 0.58
CA PRO A 557 31.69 -3.26 -0.17
C PRO A 557 30.19 -3.29 -0.43
N ILE A 558 29.33 -2.62 0.36
CA ILE A 558 27.87 -2.64 0.11
C ILE A 558 27.31 -1.56 -0.78
N GLY A 559 28.10 -0.53 -1.03
CA GLY A 559 27.70 0.55 -1.86
C GLY A 559 28.45 1.79 -1.36
N TYR A 560 28.05 2.99 -1.83
CA TYR A 560 28.61 4.20 -1.35
C TYR A 560 27.93 4.66 -0.08
N ILE A 561 28.65 5.24 0.91
CA ILE A 561 27.99 5.90 2.04
C ILE A 561 28.46 7.32 1.99
N PRO A 562 27.94 8.18 2.81
CA PRO A 562 28.46 9.53 2.80
C PRO A 562 29.85 9.47 3.39
N LYS A 563 30.71 10.29 2.85
CA LYS A 563 32.04 10.48 3.33
C LYS A 563 32.00 11.34 4.56
N GLU A 564 33.09 11.39 5.26
CA GLU A 564 33.16 12.09 6.56
C GLU A 564 32.66 13.53 6.51
N ASP A 565 31.78 13.89 7.43
CA ASP A 565 31.19 15.23 7.44
C ASP A 565 30.25 15.58 6.25
N ALA A 566 29.94 14.65 5.39
CA ALA A 566 29.08 14.99 4.30
C ALA A 566 27.60 15.17 4.74
N LEU A 567 27.16 14.33 5.67
CA LEU A 567 25.77 14.40 6.12
C LEU A 567 25.63 15.62 7.01
N ASN A 568 24.59 16.39 6.76
CA ASN A 568 24.35 17.62 7.51
C ASN A 568 23.65 17.32 8.79
N LEU A 569 24.40 17.59 9.85
CA LEU A 569 24.02 17.35 11.22
C LEU A 569 23.81 18.64 11.99
N LYS A 570 24.01 19.75 11.38
CA LYS A 570 23.67 20.96 12.11
C LYS A 570 22.22 20.91 12.61
N GLY A 571 22.12 21.19 13.88
CA GLY A 571 20.84 21.40 14.51
C GLY A 571 20.52 20.21 15.38
N LEU A 572 21.25 19.11 15.17
CA LEU A 572 20.93 17.90 15.99
C LEU A 572 21.74 17.79 17.26
N GLY A 573 21.35 16.84 18.10
CA GLY A 573 22.13 16.49 19.26
C GLY A 573 23.13 15.47 18.77
N HIS A 574 23.83 14.91 19.71
CA HIS A 574 24.80 13.97 19.39
C HIS A 574 24.30 12.80 18.54
N ILE A 575 25.11 12.37 17.61
CA ILE A 575 24.74 11.22 16.86
C ILE A 575 25.97 10.38 16.89
N ASN A 576 25.85 9.09 17.22
CA ASN A 576 27.01 8.23 17.12
C ASN A 576 27.18 7.78 15.70
N GLU A 579 28.97 4.36 14.93
CA GLU A 579 28.11 3.15 15.02
C GLU A 579 27.06 3.10 13.91
N LEU A 580 26.60 4.27 13.48
CA LEU A 580 25.47 4.31 12.59
C LEU A 580 25.88 3.85 11.20
N PHE A 581 27.09 4.23 10.79
CA PHE A 581 27.56 3.82 9.47
C PHE A 581 28.50 2.64 9.49
N SER A 582 28.56 1.99 10.65
CA SER A 582 29.49 0.83 10.86
C SER A 582 29.18 -0.40 10.04
N ILE A 583 30.16 -0.91 9.28
CA ILE A 583 29.87 -2.02 8.42
C ILE A 583 30.80 -3.08 8.84
N SER A 584 30.27 -4.13 9.42
CA SER A 584 31.15 -5.21 9.95
C SER A 584 31.31 -6.49 9.04
N LYS A 585 32.48 -7.01 8.90
CA LYS A 585 32.65 -8.21 8.08
C LYS A 585 31.85 -9.36 8.63
N GLU A 586 31.89 -9.53 9.92
CA GLU A 586 31.20 -10.66 10.50
C GLU A 586 29.71 -10.58 10.17
N PHE A 587 29.11 -9.45 10.50
CA PHE A 587 27.72 -9.25 10.17
C PHE A 587 27.39 -9.44 8.67
N TRP A 588 28.22 -8.86 7.81
CA TRP A 588 27.93 -8.91 6.39
C TRP A 588 28.27 -10.29 5.77
N ASP A 589 29.14 -11.00 6.47
CA ASP A 589 29.43 -12.38 6.03
C ASP A 589 28.16 -13.04 6.22
N LYS A 590 27.56 -12.82 7.37
CA LYS A 590 26.31 -13.47 7.61
C LYS A 590 25.20 -13.07 6.65
N GLU A 591 25.11 -11.77 6.30
CA GLU A 591 23.96 -11.24 5.60
C GLU A 591 24.01 -11.77 4.18
N VAL A 592 25.15 -11.77 3.54
CA VAL A 592 25.13 -12.18 2.16
C VAL A 592 24.82 -13.69 2.06
N GLU A 593 25.32 -14.46 3.02
CA GLU A 593 25.05 -15.92 3.04
C GLU A 593 23.54 -16.10 3.12
N ASP A 594 22.94 -15.32 4.01
CA ASP A 594 21.51 -15.41 4.14
C ASP A 594 20.82 -14.90 2.82
N ILE A 595 21.34 -13.84 2.18
CA ILE A 595 20.71 -13.33 0.98
C ILE A 595 20.86 -14.40 -0.09
N GLU A 596 22.04 -14.97 -0.15
CA GLU A 596 22.25 -15.93 -1.19
C GLU A 596 21.26 -17.05 -1.08
N LYS A 597 21.06 -17.58 0.12
CA LYS A 597 20.33 -18.86 0.29
C LYS A 597 18.89 -18.60 0.02
N TYR A 598 18.44 -17.44 0.47
CA TYR A 598 17.11 -17.01 0.21
C TYR A 598 16.83 -16.86 -1.31
N LEU A 599 17.59 -16.05 -2.03
CA LEU A 599 17.29 -15.96 -3.45
C LEU A 599 17.41 -17.31 -4.20
N VAL A 600 18.36 -18.18 -3.86
CA VAL A 600 18.57 -19.35 -4.73
C VAL A 600 17.50 -20.35 -4.45
N ASP A 601 17.10 -20.49 -3.17
CA ASP A 601 16.09 -21.46 -2.89
C ASP A 601 14.81 -20.92 -3.38
N GLN A 602 14.46 -19.71 -2.94
CA GLN A 602 13.14 -19.20 -3.28
C GLN A 602 13.00 -18.87 -4.72
N VAL A 603 14.01 -18.36 -5.40
CA VAL A 603 13.69 -18.00 -6.81
C VAL A 603 14.13 -19.10 -7.79
N ASN A 604 15.15 -19.85 -7.34
CA ASN A 604 15.50 -21.10 -8.02
C ASN A 604 15.70 -20.99 -9.54
N ALA A 605 14.88 -21.65 -10.30
CA ALA A 605 15.20 -21.59 -11.69
C ALA A 605 14.89 -20.24 -12.28
N ASP A 606 14.14 -19.39 -11.58
CA ASP A 606 13.83 -18.10 -12.17
C ASP A 606 14.78 -16.95 -11.79
N LEU A 607 15.76 -17.19 -10.94
CA LEU A 607 16.67 -16.12 -10.56
C LEU A 607 17.50 -15.62 -11.80
N PRO A 608 17.44 -14.36 -12.16
CA PRO A 608 18.16 -13.88 -13.35
C PRO A 608 19.68 -13.87 -13.03
N CYS A 609 20.50 -14.12 -14.05
CA CYS A 609 21.95 -14.30 -13.83
C CYS A 609 22.57 -13.01 -13.40
N GLU A 610 21.98 -11.89 -13.83
CA GLU A 610 22.55 -10.66 -13.33
C GLU A 610 22.56 -10.68 -11.79
N ILE A 611 21.49 -11.21 -11.21
CA ILE A 611 21.37 -11.29 -9.76
C ILE A 611 22.34 -12.26 -9.15
N GLU A 612 22.54 -13.39 -9.81
CA GLU A 612 23.53 -14.34 -9.27
C GLU A 612 24.90 -13.60 -9.32
N ARG A 613 25.10 -12.86 -10.39
CA ARG A 613 26.39 -12.10 -10.39
C ARG A 613 26.45 -11.08 -9.28
N GLU A 614 25.36 -10.39 -9.02
CA GLU A 614 25.44 -9.41 -7.93
C GLU A 614 25.66 -10.12 -6.62
N ILE A 615 25.11 -11.33 -6.47
CA ILE A 615 25.39 -12.04 -5.20
C ILE A 615 26.88 -12.38 -5.11
N LEU A 616 27.39 -13.05 -6.11
CA LEU A 616 28.76 -13.45 -6.01
C LEU A 616 29.64 -12.21 -5.80
N ALA A 617 29.36 -11.16 -6.55
CA ALA A 617 30.20 -9.93 -6.36
C ALA A 617 30.17 -9.33 -4.93
N LEU A 618 29.05 -9.33 -4.27
CA LEU A 618 29.08 -8.75 -2.99
C LEU A 618 29.92 -9.69 -2.05
N LYS A 619 29.77 -11.00 -2.18
CA LYS A 619 30.65 -11.88 -1.35
C LYS A 619 32.05 -11.71 -1.76
N GLN A 620 32.32 -11.35 -3.01
CA GLN A 620 33.73 -11.04 -3.32
C GLN A 620 34.12 -9.74 -2.64
N ARG A 621 33.30 -8.72 -2.78
CA ARG A 621 33.77 -7.47 -2.12
C ARG A 621 33.93 -7.61 -0.60
N ILE A 622 33.05 -8.35 0.05
CA ILE A 622 33.17 -8.49 1.48
C ILE A 622 34.40 -9.33 1.95
N SER A 623 34.77 -10.37 1.17
CA SER A 623 35.90 -11.20 1.51
C SER A 623 37.14 -10.39 1.53
N GLN A 624 37.17 -9.27 0.84
CA GLN A 624 38.36 -8.39 0.84
C GLN A 624 38.47 -7.49 2.03
#